data_3K14
#
_entry.id   3K14
#
_cell.length_a   117.117
_cell.length_b   67.914
_cell.length_c   60.363
_cell.angle_alpha   90.000
_cell.angle_beta   96.390
_cell.angle_gamma   90.000
#
_symmetry.space_group_name_H-M   'C 1 2 1'
#
loop_
_entity.id
_entity.type
_entity.pdbx_description
1 polymer '2-C-methyl-D-erythritol 2,4-cyclodiphosphate synthase'
2 non-polymer 'ZINC ION'
3 non-polymer 'ethyl 3-methyl-5,6-dihydroimidazo[2,1-b][1,3]thiazole-2-carboxylate'
4 non-polymer 'CHLORIDE ION'
5 non-polymer 'POTASSIUM ION'
6 non-polymer 'ACETATE ION'
7 water water
#
_entity_poly.entity_id   1
_entity_poly.type   'polypeptide(L)'
_entity_poly.pdbx_seq_one_letter_code
;MAHHHHHHMGTLEAQTQGPGSMDFRIGQGYDVHQLVPGRPLIIGGVTIPYERGLLGHSDADVLLHAITDALFGAAALGDI
GRHFSDTDPRFKGADSRALLRECASRVAQAGFAIRNVDSTIIAQAPKLAPHIDAMRANIAADLDLPLDRVNVKAKTNEKL
GYLGRGEGIEAQAAALVVREAAA
;
_entity_poly.pdbx_strand_id   A,B,C
#
loop_
_chem_comp.id
_chem_comp.type
_chem_comp.name
_chem_comp.formula
535 non-polymer 'ethyl 3-methyl-5,6-dihydroimidazo[2,1-b][1,3]thiazole-2-carboxylate' 'C9 H10 N2 O2 S'
ACT non-polymer 'ACETATE ION' 'C2 H3 O2 -1'
CL non-polymer 'CHLORIDE ION' 'Cl -1'
K non-polymer 'POTASSIUM ION' 'K 1'
ZN non-polymer 'ZINC ION' 'Zn 2'
#
# COMPACT_ATOMS: atom_id res chain seq x y z
N MET A 22 3.40 -18.02 16.59
CA MET A 22 4.20 -17.14 15.68
C MET A 22 3.67 -17.22 14.24
N ASP A 23 2.39 -17.55 14.11
CA ASP A 23 1.75 -17.64 12.81
C ASP A 23 1.21 -16.24 12.43
N PHE A 24 2.15 -15.36 12.11
CA PHE A 24 1.80 -13.98 11.75
C PHE A 24 1.34 -13.89 10.29
N ARG A 25 0.50 -12.90 10.02
CA ARG A 25 0.05 -12.63 8.65
C ARG A 25 -0.13 -11.13 8.51
N ILE A 26 0.13 -10.65 7.30
CA ILE A 26 -0.10 -9.23 7.00
C ILE A 26 -1.22 -9.02 5.99
N GLY A 27 -1.87 -7.87 6.08
CA GLY A 27 -2.90 -7.49 5.13
C GLY A 27 -2.74 -6.03 4.74
N GLN A 28 -3.33 -5.67 3.61
CA GLN A 28 -3.26 -4.28 3.14
C GLN A 28 -4.60 -3.88 2.59
N GLY A 29 -4.93 -2.60 2.69
CA GLY A 29 -6.23 -2.14 2.21
C GLY A 29 -6.11 -0.81 1.50
N TYR A 30 -7.03 -0.60 0.55
CA TYR A 30 -7.11 0.64 -0.20
C TYR A 30 -8.57 1.03 -0.31
N ASP A 31 -8.87 2.33 -0.21
CA ASP A 31 -10.23 2.78 -0.54
C ASP A 31 -10.22 4.22 -1.05
N VAL A 32 -11.19 4.56 -1.88
CA VAL A 32 -11.36 5.95 -2.30
C VAL A 32 -12.85 6.21 -2.47
N HIS A 33 -13.28 7.44 -2.14
CA HIS A 33 -14.66 7.85 -2.38
C HIS A 33 -14.66 9.26 -2.92
N GLN A 34 -15.65 9.56 -3.76
CA GLN A 34 -15.87 10.90 -4.23
C GLN A 34 -16.33 11.82 -3.09
N LEU A 35 -15.91 13.08 -3.19
CA LEU A 35 -16.31 14.10 -2.26
C LEU A 35 -17.40 14.95 -2.94
N VAL A 36 -18.58 14.99 -2.33
CA VAL A 36 -19.75 15.65 -2.94
C VAL A 36 -20.51 16.52 -1.93
N PRO A 37 -21.25 17.54 -2.43
CA PRO A 37 -22.10 18.30 -1.50
C PRO A 37 -23.25 17.44 -0.95
N GLY A 38 -23.74 17.81 0.24
CA GLY A 38 -24.97 17.22 0.77
C GLY A 38 -24.84 15.87 1.43
N ARG A 39 -23.60 15.49 1.77
CA ARG A 39 -23.30 14.26 2.52
C ARG A 39 -22.47 14.63 3.76
N PRO A 40 -22.66 13.90 4.88
CA PRO A 40 -21.79 14.05 6.04
C PRO A 40 -20.37 13.64 5.67
N LEU A 41 -19.37 14.34 6.20
CA LEU A 41 -17.99 13.86 6.06
C LEU A 41 -17.62 13.04 7.28
N ILE A 42 -17.50 11.73 7.10
CA ILE A 42 -17.23 10.84 8.21
C ILE A 42 -16.01 10.01 7.83
N ILE A 43 -14.94 10.22 8.59
CA ILE A 43 -13.67 9.53 8.36
C ILE A 43 -13.16 9.02 9.70
N GLY A 44 -12.81 7.73 9.75
CA GLY A 44 -12.36 7.13 11.02
C GLY A 44 -13.44 7.23 12.08
N GLY A 45 -14.70 7.22 11.66
CA GLY A 45 -15.83 7.31 12.59
C GLY A 45 -16.11 8.72 13.10
N VAL A 46 -15.29 9.69 12.67
CA VAL A 46 -15.42 11.07 13.13
C VAL A 46 -16.21 11.89 12.12
N THR A 47 -17.27 12.54 12.60
CA THR A 47 -18.02 13.48 11.79
C THR A 47 -17.28 14.81 11.80
N ILE A 48 -16.77 15.18 10.63
CA ILE A 48 -15.93 16.35 10.47
C ILE A 48 -16.74 17.48 9.84
N PRO A 49 -16.80 18.66 10.50
CA PRO A 49 -17.50 19.81 9.91
C PRO A 49 -16.89 20.14 8.56
N TYR A 50 -17.73 20.13 7.53
CA TYR A 50 -17.28 20.35 6.16
C TYR A 50 -18.46 20.43 5.22
N GLU A 51 -18.33 21.25 4.18
CA GLU A 51 -19.42 21.52 3.26
C GLU A 51 -19.71 20.35 2.30
N ARG A 52 -18.77 19.42 2.19
CA ARG A 52 -18.94 18.22 1.38
C ARG A 52 -18.75 16.97 2.22
N GLY A 53 -19.16 15.83 1.68
CA GLY A 53 -18.97 14.55 2.34
C GLY A 53 -18.67 13.44 1.35
N LEU A 54 -18.40 12.25 1.86
CA LEU A 54 -18.04 11.15 0.98
C LEU A 54 -19.28 10.42 0.48
N LEU A 55 -19.26 10.11 -0.81
CA LEU A 55 -20.39 9.46 -1.46
C LEU A 55 -20.20 7.96 -1.46
N GLY A 56 -21.22 7.25 -1.00
CA GLY A 56 -21.20 5.79 -1.00
C GLY A 56 -22.53 5.22 -0.56
N HIS A 57 -22.65 3.90 -0.63
CA HIS A 57 -23.86 3.20 -0.20
C HIS A 57 -24.02 3.27 1.32
N SER A 58 -22.91 3.01 2.03
CA SER A 58 -22.85 3.13 3.48
C SER A 58 -22.58 4.59 3.83
N ASP A 59 -22.10 4.85 5.05
CA ASP A 59 -21.68 6.20 5.40
C ASP A 59 -20.38 6.61 4.68
N ALA A 60 -19.82 5.69 3.89
CA ALA A 60 -18.70 5.95 2.97
C ALA A 60 -17.39 6.31 3.69
N ASP A 61 -17.21 5.72 4.87
CA ASP A 61 -16.02 6.02 5.69
C ASP A 61 -14.79 5.35 5.08
N VAL A 62 -14.08 6.12 4.26
CA VAL A 62 -12.97 5.61 3.45
C VAL A 62 -11.85 4.97 4.29
N LEU A 63 -11.55 5.59 5.44
CA LEU A 63 -10.51 5.06 6.31
C LEU A 63 -10.91 3.72 6.91
N LEU A 64 -12.13 3.64 7.45
CA LEU A 64 -12.56 2.38 8.08
C LEU A 64 -12.68 1.27 7.05
N HIS A 65 -13.12 1.59 5.84
CA HIS A 65 -13.19 0.58 4.78
C HIS A 65 -11.81 0.02 4.45
N ALA A 66 -10.83 0.91 4.31
CA ALA A 66 -9.45 0.47 4.03
C ALA A 66 -8.94 -0.47 5.13
N ILE A 67 -9.19 -0.09 6.38
CA ILE A 67 -8.72 -0.91 7.50
C ILE A 67 -9.45 -2.26 7.52
N THR A 68 -10.76 -2.24 7.26
CA THR A 68 -11.58 -3.46 7.17
C THR A 68 -11.01 -4.42 6.12
N ASP A 69 -10.69 -3.88 4.94
CA ASP A 69 -10.08 -4.68 3.88
C ASP A 69 -8.71 -5.25 4.29
N ALA A 70 -7.88 -4.44 4.97
CA ALA A 70 -6.58 -4.96 5.46
C ALA A 70 -6.75 -6.13 6.43
N LEU A 71 -7.77 -6.04 7.28
CA LEU A 71 -8.01 -7.09 8.27
C LEU A 71 -8.52 -8.37 7.62
N PHE A 72 -9.55 -8.23 6.76
CA PHE A 72 -10.03 -9.39 6.01
C PHE A 72 -8.89 -9.99 5.18
N GLY A 73 -8.04 -9.14 4.63
CA GLY A 73 -6.95 -9.63 3.78
C GLY A 73 -5.91 -10.40 4.55
N ALA A 74 -5.54 -9.88 5.72
CA ALA A 74 -4.58 -10.56 6.62
C ALA A 74 -5.07 -11.95 7.05
N ALA A 75 -6.38 -12.10 7.23
CA ALA A 75 -6.97 -13.37 7.66
C ALA A 75 -7.34 -14.30 6.48
N ALA A 76 -7.07 -13.82 5.27
CA ALA A 76 -7.44 -14.49 4.01
C ALA A 76 -8.94 -14.79 3.93
N LEU A 77 -9.74 -13.79 4.30
CA LEU A 77 -11.19 -13.94 4.34
C LEU A 77 -11.88 -13.16 3.22
N GLY A 78 -11.11 -12.75 2.21
CA GLY A 78 -11.67 -12.04 1.05
C GLY A 78 -11.62 -10.55 1.26
N ASP A 79 -12.76 -9.88 1.12
CA ASP A 79 -12.77 -8.42 1.21
C ASP A 79 -14.12 -7.91 1.68
N ILE A 80 -14.22 -6.60 1.82
CA ILE A 80 -15.41 -5.97 2.37
C ILE A 80 -16.66 -6.22 1.51
N GLY A 81 -16.50 -6.23 0.18
CA GLY A 81 -17.57 -6.56 -0.76
C GLY A 81 -18.15 -7.95 -0.56
N ARG A 82 -17.28 -8.92 -0.28
CA ARG A 82 -17.72 -10.30 -0.03
C ARG A 82 -18.55 -10.39 1.25
N HIS A 83 -18.12 -9.65 2.27
CA HIS A 83 -18.75 -9.74 3.58
C HIS A 83 -19.96 -8.85 3.76
N PHE A 84 -19.93 -7.67 3.13
CA PHE A 84 -20.95 -6.63 3.29
C PHE A 84 -21.26 -5.98 1.93
N SER A 85 -22.16 -6.59 1.16
CA SER A 85 -22.45 -6.17 -0.23
C SER A 85 -22.99 -4.73 -0.41
N ASP A 86 -22.37 -3.97 -1.31
CA ASP A 86 -22.82 -2.61 -1.64
C ASP A 86 -24.13 -2.57 -2.42
N THR A 87 -24.63 -3.73 -2.82
CA THR A 87 -25.92 -3.84 -3.49
C THR A 87 -27.02 -4.28 -2.52
N ASP A 88 -26.60 -4.70 -1.32
CA ASP A 88 -27.50 -5.13 -0.25
C ASP A 88 -28.06 -3.90 0.48
N PRO A 89 -29.40 -3.70 0.44
CA PRO A 89 -30.06 -2.53 1.04
C PRO A 89 -29.89 -2.42 2.56
N ARG A 90 -29.48 -3.49 3.22
CA ARG A 90 -29.33 -3.50 4.68
C ARG A 90 -28.14 -2.63 5.12
N PHE A 91 -27.27 -2.32 4.16
CA PHE A 91 -26.07 -1.52 4.43
C PHE A 91 -26.20 -0.08 3.91
N LYS A 92 -27.42 0.34 3.57
CA LYS A 92 -27.65 1.71 3.10
C LYS A 92 -27.49 2.68 4.27
N GLY A 93 -26.51 3.56 4.17
CA GLY A 93 -26.19 4.50 5.23
C GLY A 93 -25.54 3.82 6.43
N ALA A 94 -25.09 2.58 6.26
CA ALA A 94 -24.51 1.78 7.35
C ALA A 94 -23.38 2.48 8.07
N ASP A 95 -23.37 2.29 9.39
CA ASP A 95 -22.28 2.77 10.25
C ASP A 95 -21.06 1.88 10.00
N SER A 96 -20.01 2.47 9.45
CA SER A 96 -18.83 1.70 9.09
C SER A 96 -18.04 1.23 10.32
N ARG A 97 -18.32 1.82 11.49
CA ARG A 97 -17.75 1.27 12.73
C ARG A 97 -18.41 -0.04 13.10
N ALA A 98 -19.71 -0.15 12.88
CA ALA A 98 -20.41 -1.42 13.07
C ALA A 98 -19.83 -2.47 12.11
N LEU A 99 -19.57 -2.09 10.86
CA LEU A 99 -18.93 -2.99 9.90
C LEU A 99 -17.51 -3.41 10.35
N LEU A 100 -16.73 -2.44 10.82
CA LEU A 100 -15.38 -2.76 11.28
C LEU A 100 -15.42 -3.73 12.47
N ARG A 101 -16.33 -3.50 13.40
CA ARG A 101 -16.47 -4.41 14.55
C ARG A 101 -16.88 -5.82 14.12
N GLU A 102 -17.80 -5.92 13.15
CA GLU A 102 -18.18 -7.23 12.64
C GLU A 102 -17.00 -7.92 11.92
N CYS A 103 -16.23 -7.15 11.16
CA CYS A 103 -15.03 -7.66 10.52
C CYS A 103 -14.10 -8.22 11.59
N ALA A 104 -13.86 -7.45 12.64
CA ALA A 104 -12.97 -7.87 13.72
C ALA A 104 -13.47 -9.15 14.38
N SER A 105 -14.79 -9.26 14.54
CA SER A 105 -15.43 -10.45 15.09
C SER A 105 -15.17 -11.68 14.20
N ARG A 106 -15.30 -11.51 12.88
CA ARG A 106 -15.09 -12.64 11.96
C ARG A 106 -13.62 -13.03 11.90
N VAL A 107 -12.74 -12.03 11.93
CA VAL A 107 -11.29 -12.28 12.01
C VAL A 107 -10.93 -13.09 13.27
N ALA A 108 -11.52 -12.72 14.40
CA ALA A 108 -11.34 -13.47 15.65
C ALA A 108 -11.91 -14.88 15.54
N GLN A 109 -13.10 -14.99 14.95
CA GLN A 109 -13.72 -16.30 14.74
C GLN A 109 -12.85 -17.22 13.89
N ALA A 110 -12.13 -16.64 12.95
CA ALA A 110 -11.25 -17.41 12.07
C ALA A 110 -9.97 -17.82 12.78
N GLY A 111 -9.76 -17.28 13.99
CA GLY A 111 -8.66 -17.70 14.87
C GLY A 111 -7.53 -16.70 15.01
N PHE A 112 -7.74 -15.47 14.53
CA PHE A 112 -6.68 -14.47 14.51
C PHE A 112 -6.86 -13.40 15.59
N ALA A 113 -5.75 -12.94 16.15
CA ALA A 113 -5.71 -11.80 17.05
C ALA A 113 -5.05 -10.65 16.29
N ILE A 114 -5.54 -9.43 16.48
CA ILE A 114 -4.94 -8.28 15.79
C ILE A 114 -3.77 -7.74 16.61
N ARG A 115 -2.63 -7.55 15.96
CA ARG A 115 -1.45 -6.98 16.64
C ARG A 115 -1.28 -5.46 16.44
N ASN A 116 -1.46 -4.98 15.21
CA ASN A 116 -1.46 -3.52 14.99
C ASN A 116 -2.11 -3.13 13.68
N VAL A 117 -2.48 -1.85 13.62
CA VAL A 117 -2.98 -1.25 12.38
C VAL A 117 -2.25 0.06 12.13
N ASP A 118 -1.91 0.29 10.88
CA ASP A 118 -1.38 1.58 10.43
C ASP A 118 -2.16 2.01 9.21
N SER A 119 -2.22 3.31 8.97
CA SER A 119 -3.06 3.79 7.89
C SER A 119 -2.65 5.20 7.48
N THR A 120 -3.10 5.60 6.28
CA THR A 120 -2.88 6.96 5.75
C THR A 120 -4.19 7.44 5.13
N ILE A 121 -4.51 8.70 5.38
CA ILE A 121 -5.62 9.36 4.67
C ILE A 121 -5.00 10.44 3.80
N ILE A 122 -5.48 10.55 2.56
CA ILE A 122 -4.94 11.55 1.64
C ILE A 122 -6.08 12.46 1.19
N ALA A 123 -5.99 13.74 1.53
CA ALA A 123 -7.03 14.71 1.21
C ALA A 123 -6.47 16.11 1.05
N GLN A 124 -6.97 16.84 0.06
CA GLN A 124 -6.59 18.22 -0.16
C GLN A 124 -7.15 19.06 0.98
N ALA A 125 -8.39 18.73 1.39
CA ALA A 125 -9.13 19.47 2.40
C ALA A 125 -10.22 18.54 2.95
N PRO A 126 -10.73 18.83 4.16
CA PRO A 126 -10.26 19.83 5.12
C PRO A 126 -8.98 19.35 5.81
N LYS A 127 -8.46 20.18 6.72
CA LYS A 127 -7.32 19.79 7.56
C LYS A 127 -7.76 18.63 8.43
N LEU A 128 -6.99 17.54 8.42
CA LEU A 128 -7.36 16.34 9.20
C LEU A 128 -6.59 16.16 10.49
N ALA A 129 -5.47 16.87 10.61
CA ALA A 129 -4.63 16.77 11.81
C ALA A 129 -5.41 16.87 13.14
N PRO A 130 -6.34 17.84 13.26
CA PRO A 130 -7.13 18.00 14.49
C PRO A 130 -8.06 16.83 14.83
N HIS A 131 -8.28 15.94 13.87
CA HIS A 131 -9.22 14.84 14.04
C HIS A 131 -8.58 13.46 14.16
N ILE A 132 -7.27 13.40 13.92
CA ILE A 132 -6.56 12.12 13.85
C ILE A 132 -6.62 11.36 15.16
N ASP A 133 -6.46 12.06 16.29
CA ASP A 133 -6.45 11.38 17.58
C ASP A 133 -7.80 10.73 17.85
N ALA A 134 -8.87 11.43 17.47
CA ALA A 134 -10.21 10.90 17.64
C ALA A 134 -10.45 9.67 16.76
N MET A 135 -9.92 9.69 15.53
CA MET A 135 -10.03 8.53 14.63
C MET A 135 -9.30 7.34 15.20
N ARG A 136 -8.07 7.58 15.63
CA ARG A 136 -7.28 6.55 16.30
C ARG A 136 -8.05 5.90 17.46
N ALA A 137 -8.66 6.73 18.32
CA ALA A 137 -9.42 6.22 19.47
C ALA A 137 -10.63 5.37 19.06
N ASN A 138 -11.32 5.78 18.00
CA ASN A 138 -12.45 5.00 17.50
C ASN A 138 -12.00 3.64 16.98
N ILE A 139 -10.93 3.63 16.20
CA ILE A 139 -10.44 2.39 15.61
C ILE A 139 -9.97 1.45 16.72
N ALA A 140 -9.22 2.01 17.68
CA ALA A 140 -8.77 1.23 18.84
C ALA A 140 -9.95 0.63 19.61
N ALA A 141 -10.99 1.42 19.86
CA ALA A 141 -12.19 0.92 20.52
C ALA A 141 -12.82 -0.24 19.73
N ASP A 142 -13.00 -0.06 18.43
CA ASP A 142 -13.68 -1.02 17.58
C ASP A 142 -12.90 -2.33 17.47
N LEU A 143 -11.56 -2.23 17.56
CA LEU A 143 -10.73 -3.42 17.43
C LEU A 143 -10.31 -4.03 18.77
N ASP A 144 -10.82 -3.45 19.85
CA ASP A 144 -10.39 -3.78 21.22
C ASP A 144 -8.86 -3.79 21.34
N LEU A 145 -8.25 -2.70 20.87
CA LEU A 145 -6.81 -2.52 20.95
C LEU A 145 -6.49 -1.33 21.83
N PRO A 146 -5.32 -1.34 22.46
CA PRO A 146 -4.86 -0.10 23.07
C PRO A 146 -4.44 0.90 22.00
N LEU A 147 -4.46 2.17 22.36
CA LEU A 147 -4.10 3.24 21.42
C LEU A 147 -2.73 3.05 20.78
N ASP A 148 -1.78 2.51 21.55
CA ASP A 148 -0.42 2.35 21.04
C ASP A 148 -0.22 1.23 20.00
N ARG A 149 -1.31 0.59 19.57
CA ARG A 149 -1.26 -0.39 18.48
C ARG A 149 -2.03 0.07 17.23
N VAL A 150 -2.46 1.33 17.27
CA VAL A 150 -3.26 1.89 16.16
C VAL A 150 -2.64 3.21 15.73
N ASN A 151 -2.50 3.38 14.42
CA ASN A 151 -1.90 4.62 13.90
C ASN A 151 -2.64 5.10 12.66
N VAL A 152 -2.84 6.42 12.60
CA VAL A 152 -3.47 7.07 11.46
C VAL A 152 -2.61 8.26 11.06
N LYS A 153 -2.26 8.32 9.77
CA LYS A 153 -1.39 9.36 9.27
C LYS A 153 -2.16 10.19 8.25
N ALA A 154 -1.99 11.50 8.29
CA ALA A 154 -2.74 12.34 7.36
C ALA A 154 -1.81 13.05 6.43
N LYS A 155 -2.20 13.13 5.17
CA LYS A 155 -1.46 13.99 4.27
C LYS A 155 -2.26 14.51 3.13
N THR A 156 -1.60 15.36 2.34
CA THR A 156 -2.18 15.85 1.10
C THR A 156 -1.51 15.11 -0.03
N ASN A 157 -2.01 15.32 -1.25
CA ASN A 157 -1.38 14.75 -2.42
C ASN A 157 -0.48 15.74 -3.16
N GLU A 158 0.00 16.76 -2.44
CA GLU A 158 0.87 17.79 -3.01
C GLU A 158 0.32 18.38 -4.32
N LYS A 159 -0.99 18.62 -4.32
CA LYS A 159 -1.70 19.30 -5.42
C LYS A 159 -1.88 18.47 -6.70
N LEU A 160 -1.48 17.20 -6.66
CA LEU A 160 -1.52 16.37 -7.86
C LEU A 160 -2.81 15.56 -8.04
N GLY A 161 -3.32 15.54 -9.26
CA GLY A 161 -4.36 14.57 -9.61
C GLY A 161 -5.72 14.89 -9.04
N TYR A 162 -6.64 13.94 -9.15
CA TYR A 162 -8.01 14.14 -8.65
C TYR A 162 -8.01 14.38 -7.15
N LEU A 163 -7.04 13.81 -6.42
CA LEU A 163 -6.94 14.08 -4.99
C LEU A 163 -6.54 15.52 -4.77
N GLY A 164 -5.57 16.00 -5.56
CA GLY A 164 -5.13 17.40 -5.50
C GLY A 164 -6.25 18.38 -5.82
N ARG A 165 -7.15 17.96 -6.70
CA ARG A 165 -8.30 18.80 -7.09
C ARG A 165 -9.48 18.65 -6.12
N GLY A 166 -9.28 17.87 -5.06
CA GLY A 166 -10.31 17.62 -4.04
C GLY A 166 -11.57 16.92 -4.53
N GLU A 167 -11.41 16.03 -5.51
CA GLU A 167 -12.55 15.31 -6.10
C GLU A 167 -12.94 14.10 -5.24
N GLY A 168 -12.01 13.66 -4.42
CA GLY A 168 -12.21 12.49 -3.56
C GLY A 168 -11.17 12.43 -2.46
N ILE A 169 -11.33 11.45 -1.58
CA ILE A 169 -10.38 11.21 -0.49
C ILE A 169 -9.99 9.75 -0.51
N GLU A 170 -8.70 9.48 -0.35
CA GLU A 170 -8.19 8.11 -0.40
C GLU A 170 -7.72 7.67 0.98
N ALA A 171 -7.85 6.39 1.28
CA ALA A 171 -7.21 5.80 2.47
C ALA A 171 -6.42 4.54 2.13
N GLN A 172 -5.32 4.33 2.86
CA GLN A 172 -4.48 3.13 2.72
C GLN A 172 -4.37 2.56 4.13
N ALA A 173 -4.26 1.24 4.23
CA ALA A 173 -4.09 0.59 5.54
C ALA A 173 -3.22 -0.63 5.47
N ALA A 174 -2.58 -0.93 6.59
CA ALA A 174 -1.81 -2.15 6.79
C ALA A 174 -2.20 -2.74 8.14
N ALA A 175 -2.26 -4.08 8.22
CA ALA A 175 -2.59 -4.75 9.48
C ALA A 175 -1.74 -5.97 9.63
N LEU A 176 -1.29 -6.18 10.87
CA LEU A 176 -0.63 -7.41 11.27
C LEU A 176 -1.53 -8.17 12.23
N VAL A 177 -1.72 -9.45 11.96
CA VAL A 177 -2.48 -10.35 12.82
C VAL A 177 -1.63 -11.59 13.14
N VAL A 178 -2.09 -12.40 14.09
CA VAL A 178 -1.44 -13.67 14.39
C VAL A 178 -2.51 -14.75 14.64
N ARG A 179 -2.34 -15.94 14.07
CA ARG A 179 -3.31 -17.01 14.32
C ARG A 179 -2.98 -17.77 15.59
N MET B 22 11.26 -14.85 15.59
CA MET B 22 12.22 -15.18 14.50
C MET B 22 12.33 -14.07 13.43
N ASP B 23 12.91 -14.39 12.29
CA ASP B 23 13.41 -13.39 11.35
C ASP B 23 12.41 -13.08 10.25
N PHE B 24 11.32 -12.42 10.62
CA PHE B 24 10.29 -12.04 9.68
C PHE B 24 10.69 -10.80 8.88
N ARG B 25 10.23 -10.73 7.63
CA ARG B 25 10.39 -9.54 6.78
C ARG B 25 9.11 -9.27 6.01
N ILE B 26 8.81 -7.99 5.79
CA ILE B 26 7.67 -7.64 4.94
C ILE B 26 8.09 -7.04 3.60
N GLY B 27 7.24 -7.26 2.61
CA GLY B 27 7.45 -6.68 1.29
C GLY B 27 6.16 -6.12 0.76
N GLN B 28 6.28 -5.15 -0.14
CA GLN B 28 5.13 -4.51 -0.76
C GLN B 28 5.35 -4.36 -2.27
N GLY B 29 4.26 -4.40 -3.03
CA GLY B 29 4.35 -4.35 -4.48
C GLY B 29 3.26 -3.50 -5.09
N TYR B 30 3.60 -2.90 -6.24
CA TYR B 30 2.69 -2.05 -6.98
C TYR B 30 2.85 -2.35 -8.46
N ASP B 31 1.74 -2.39 -9.20
CA ASP B 31 1.84 -2.42 -10.65
C ASP B 31 0.61 -1.78 -11.29
N VAL B 32 0.78 -1.30 -12.52
CA VAL B 32 -0.34 -0.75 -13.30
C VAL B 32 -0.08 -0.98 -14.79
N HIS B 33 -1.16 -1.21 -15.53
CA HIS B 33 -1.10 -1.35 -16.98
C HIS B 33 -2.26 -0.63 -17.64
N GLN B 34 -2.03 -0.13 -18.85
CA GLN B 34 -3.11 0.50 -19.64
C GLN B 34 -4.15 -0.52 -20.12
N LEU B 35 -5.41 -0.09 -20.15
CA LEU B 35 -6.52 -0.94 -20.54
C LEU B 35 -7.15 -0.38 -21.82
N VAL B 36 -6.97 -1.10 -22.93
CA VAL B 36 -7.47 -0.67 -24.25
C VAL B 36 -8.07 -1.85 -25.02
N PRO B 37 -8.95 -1.56 -26.02
CA PRO B 37 -9.41 -2.67 -26.87
C PRO B 37 -8.26 -3.32 -27.62
N GLY B 38 -8.35 -4.63 -27.86
CA GLY B 38 -7.42 -5.31 -28.74
C GLY B 38 -6.54 -6.38 -28.13
N ARG B 39 -6.55 -6.48 -26.80
CA ARG B 39 -5.73 -7.45 -26.09
C ARG B 39 -6.60 -8.20 -25.07
N PRO B 40 -6.20 -9.45 -24.74
CA PRO B 40 -6.98 -10.17 -23.73
C PRO B 40 -6.73 -9.63 -22.32
N LEU B 41 -7.67 -9.88 -21.42
CA LEU B 41 -7.56 -9.44 -20.04
C LEU B 41 -7.16 -10.63 -19.17
N ILE B 42 -5.91 -10.62 -18.73
CA ILE B 42 -5.36 -11.67 -17.86
C ILE B 42 -4.90 -11.07 -16.53
N ILE B 43 -5.57 -11.49 -15.46
CA ILE B 43 -5.23 -11.02 -14.11
C ILE B 43 -5.16 -12.23 -13.18
N GLY B 44 -4.05 -12.38 -12.46
CA GLY B 44 -3.87 -13.52 -11.55
C GLY B 44 -3.90 -14.85 -12.29
N GLY B 45 -3.38 -14.85 -13.52
CA GLY B 45 -3.35 -16.04 -14.36
C GLY B 45 -4.69 -16.45 -14.97
N VAL B 46 -5.72 -15.63 -14.75
CA VAL B 46 -7.08 -15.91 -15.20
C VAL B 46 -7.44 -15.03 -16.39
N THR B 47 -7.88 -15.65 -17.48
CA THR B 47 -8.38 -14.91 -18.63
C THR B 47 -9.84 -14.52 -18.41
N ILE B 48 -10.11 -13.23 -18.43
CA ILE B 48 -11.44 -12.69 -18.14
C ILE B 48 -12.05 -12.05 -19.40
N PRO B 49 -13.26 -12.49 -19.79
CA PRO B 49 -13.83 -11.89 -20.99
C PRO B 49 -14.17 -10.42 -20.76
N TYR B 50 -13.70 -9.57 -21.67
CA TYR B 50 -13.93 -8.14 -21.61
C TYR B 50 -13.59 -7.52 -22.96
N GLU B 51 -14.17 -6.35 -23.24
CA GLU B 51 -13.95 -5.64 -24.51
C GLU B 51 -12.55 -5.02 -24.58
N ARG B 52 -11.84 -5.03 -23.46
CA ARG B 52 -10.52 -4.44 -23.34
C ARG B 52 -9.53 -5.39 -22.65
N GLY B 53 -8.23 -5.11 -22.82
CA GLY B 53 -7.18 -5.92 -22.23
C GLY B 53 -5.98 -5.07 -21.87
N LEU B 54 -5.04 -5.67 -21.12
CA LEU B 54 -3.90 -4.92 -20.56
C LEU B 54 -2.68 -4.94 -21.48
N LEU B 55 -2.06 -3.77 -21.63
CA LEU B 55 -0.90 -3.58 -22.51
C LEU B 55 0.41 -3.76 -21.72
N ASP B 59 2.16 -11.07 -20.90
CA ASP B 59 0.73 -11.15 -20.70
C ASP B 59 0.16 -9.96 -19.91
N ALA B 60 1.04 -9.07 -19.46
CA ALA B 60 0.68 -7.87 -18.70
C ALA B 60 -0.16 -8.17 -17.44
N ASP B 61 0.19 -9.25 -16.74
CA ASP B 61 -0.59 -9.66 -15.55
C ASP B 61 -0.24 -8.81 -14.33
N VAL B 62 -0.98 -7.72 -14.19
CA VAL B 62 -0.73 -6.69 -13.19
C VAL B 62 -0.70 -7.25 -11.75
N LEU B 63 -1.56 -8.21 -11.46
CA LEU B 63 -1.61 -8.77 -10.12
C LEU B 63 -0.40 -9.63 -9.82
N LEU B 64 -0.01 -10.51 -10.75
CA LEU B 64 1.17 -11.34 -10.51
C LEU B 64 2.44 -10.52 -10.44
N HIS B 65 2.53 -9.47 -11.26
CA HIS B 65 3.69 -8.57 -11.18
C HIS B 65 3.80 -7.92 -9.80
N ALA B 66 2.70 -7.42 -9.25
CA ALA B 66 2.72 -6.78 -7.93
C ALA B 66 3.16 -7.76 -6.84
N ILE B 67 2.65 -9.00 -6.91
CA ILE B 67 3.00 -10.02 -5.93
C ILE B 67 4.49 -10.40 -6.01
N THR B 68 4.96 -10.56 -7.25
CA THR B 68 6.37 -10.84 -7.53
C THR B 68 7.26 -9.76 -6.89
N ASP B 69 6.93 -8.49 -7.14
CA ASP B 69 7.67 -7.38 -6.51
C ASP B 69 7.63 -7.42 -4.99
N ALA B 70 6.46 -7.71 -4.41
CA ALA B 70 6.36 -7.78 -2.94
C ALA B 70 7.26 -8.88 -2.39
N LEU B 71 7.32 -10.01 -3.09
CA LEU B 71 8.17 -11.12 -2.67
C LEU B 71 9.66 -10.80 -2.76
N PHE B 72 10.10 -10.27 -3.90
CA PHE B 72 11.50 -9.83 -4.02
C PHE B 72 11.82 -8.80 -2.94
N GLY B 73 10.86 -7.93 -2.65
CA GLY B 73 11.06 -6.85 -1.68
C GLY B 73 11.25 -7.35 -0.26
N ALA B 74 10.43 -8.32 0.13
CA ALA B 74 10.53 -8.94 1.46
C ALA B 74 11.88 -9.63 1.64
N ALA B 75 12.41 -10.20 0.56
CA ALA B 75 13.69 -10.90 0.59
C ALA B 75 14.89 -9.97 0.40
N ALA B 76 14.59 -8.69 0.16
CA ALA B 76 15.60 -7.67 -0.17
C ALA B 76 16.47 -8.08 -1.37
N LEU B 77 15.80 -8.61 -2.39
CA LEU B 77 16.46 -9.06 -3.61
C LEU B 77 16.29 -8.10 -4.80
N GLY B 78 15.86 -6.87 -4.54
CA GLY B 78 15.66 -5.91 -5.61
C GLY B 78 14.25 -5.97 -6.13
N ASP B 79 14.08 -6.11 -7.45
CA ASP B 79 12.75 -6.07 -8.05
C ASP B 79 12.62 -6.92 -9.31
N ILE B 80 11.41 -6.95 -9.85
CA ILE B 80 11.11 -7.76 -11.03
C ILE B 80 12.00 -7.41 -12.24
N GLY B 81 12.25 -6.12 -12.43
CA GLY B 81 13.07 -5.65 -13.57
C GLY B 81 14.52 -6.08 -13.48
N ARG B 82 15.04 -6.16 -12.26
CA ARG B 82 16.42 -6.60 -12.04
C ARG B 82 16.59 -8.10 -12.25
N HIS B 83 15.57 -8.86 -11.88
CA HIS B 83 15.62 -10.33 -12.02
C HIS B 83 15.30 -10.83 -13.41
N PHE B 84 14.27 -10.24 -14.02
CA PHE B 84 13.77 -10.69 -15.31
C PHE B 84 13.76 -9.54 -16.31
N SER B 85 14.90 -9.35 -16.98
CA SER B 85 15.08 -8.25 -17.91
C SER B 85 14.33 -8.51 -19.22
N ASP B 86 13.59 -7.50 -19.66
CA ASP B 86 12.88 -7.53 -20.94
C ASP B 86 13.83 -7.59 -22.14
N THR B 87 15.13 -7.41 -21.87
CA THR B 87 16.17 -7.50 -22.88
C THR B 87 16.76 -8.91 -22.96
N ALA B 94 8.20 -16.20 -21.69
CA ALA B 94 7.73 -16.61 -20.36
C ALA B 94 6.58 -15.74 -19.86
N ASP B 95 5.51 -16.39 -19.42
CA ASP B 95 4.38 -15.65 -18.86
C ASP B 95 4.58 -15.35 -17.36
N SER B 96 3.67 -14.56 -16.81
CA SER B 96 3.86 -14.03 -15.46
C SER B 96 3.83 -15.07 -14.35
N ARG B 97 3.17 -16.20 -14.61
CA ARG B 97 3.16 -17.31 -13.66
C ARG B 97 4.53 -18.00 -13.58
N ALA B 98 5.17 -18.16 -14.73
CA ALA B 98 6.54 -18.70 -14.78
C ALA B 98 7.49 -17.78 -13.99
N LEU B 99 7.35 -16.48 -14.20
CA LEU B 99 8.13 -15.47 -13.45
C LEU B 99 7.88 -15.54 -11.94
N LEU B 100 6.61 -15.67 -11.56
CA LEU B 100 6.25 -15.83 -10.15
C LEU B 100 6.91 -17.08 -9.55
N ARG B 101 6.87 -18.20 -10.27
CA ARG B 101 7.47 -19.44 -9.78
C ARG B 101 8.99 -19.29 -9.59
N GLU B 102 9.66 -18.62 -10.53
CA GLU B 102 11.11 -18.42 -10.44
C GLU B 102 11.45 -17.48 -9.29
N CYS B 103 10.64 -16.45 -9.14
CA CYS B 103 10.73 -15.52 -8.01
C CYS B 103 10.72 -16.30 -6.70
N ALA B 104 9.74 -17.20 -6.55
CA ALA B 104 9.59 -17.99 -5.33
C ALA B 104 10.79 -18.88 -5.07
N SER B 105 11.35 -19.45 -6.15
CA SER B 105 12.55 -20.27 -6.07
C SER B 105 13.75 -19.47 -5.55
N ARG B 106 13.89 -18.25 -6.02
CA ARG B 106 15.01 -17.37 -5.62
C ARG B 106 14.86 -16.92 -4.16
N VAL B 107 13.63 -16.59 -3.78
CA VAL B 107 13.31 -16.22 -2.40
C VAL B 107 13.65 -17.37 -1.45
N ALA B 108 13.29 -18.59 -1.85
CA ALA B 108 13.62 -19.80 -1.07
C ALA B 108 15.13 -20.02 -0.94
N GLN B 109 15.87 -19.82 -2.03
CA GLN B 109 17.31 -20.06 -2.01
C GLN B 109 18.05 -19.03 -1.17
N ALA B 110 17.47 -17.82 -1.10
CA ALA B 110 18.01 -16.74 -0.27
C ALA B 110 17.76 -17.00 1.21
N GLY B 111 16.95 -18.01 1.49
CA GLY B 111 16.74 -18.50 2.85
C GLY B 111 15.36 -18.24 3.45
N PHE B 112 14.42 -17.77 2.63
CA PHE B 112 13.12 -17.32 3.13
C PHE B 112 11.95 -18.25 2.78
N ALA B 113 11.08 -18.46 3.76
CA ALA B 113 9.81 -19.15 3.56
C ALA B 113 8.69 -18.11 3.48
N ILE B 114 7.78 -18.27 2.54
CA ILE B 114 6.64 -17.33 2.43
C ILE B 114 5.58 -17.74 3.46
N ARG B 115 5.09 -16.74 4.20
CA ARG B 115 4.06 -16.96 5.22
C ARG B 115 2.66 -16.56 4.74
N ASN B 116 2.54 -15.44 4.04
CA ASN B 116 1.26 -15.07 3.42
C ASN B 116 1.40 -13.97 2.37
N VAL B 117 0.38 -13.89 1.50
CA VAL B 117 0.26 -12.84 0.50
C VAL B 117 -1.16 -12.28 0.56
N ASP B 118 -1.25 -10.95 0.51
CA ASP B 118 -2.52 -10.27 0.37
C ASP B 118 -2.37 -9.26 -0.76
N SER B 119 -3.48 -8.90 -1.40
CA SER B 119 -3.44 -8.07 -2.57
C SER B 119 -4.77 -7.39 -2.85
N THR B 120 -4.72 -6.35 -3.68
CA THR B 120 -5.92 -5.66 -4.16
C THR B 120 -5.76 -5.39 -5.65
N ILE B 121 -6.82 -5.67 -6.41
CA ILE B 121 -6.92 -5.22 -7.79
C ILE B 121 -7.90 -4.06 -7.83
N ILE B 122 -7.50 -2.95 -8.49
CA ILE B 122 -8.41 -1.83 -8.71
C ILE B 122 -8.74 -1.73 -10.19
N ALA B 123 -10.01 -1.98 -10.52
CA ALA B 123 -10.51 -1.92 -11.89
C ALA B 123 -11.96 -1.45 -11.85
N GLN B 124 -12.29 -0.45 -12.68
CA GLN B 124 -13.66 0.06 -12.69
C GLN B 124 -14.60 -0.99 -13.28
N ALA B 125 -14.07 -1.77 -14.23
CA ALA B 125 -14.79 -2.85 -14.89
C ALA B 125 -13.78 -3.83 -15.47
N PRO B 126 -14.16 -5.11 -15.65
CA PRO B 126 -15.44 -5.74 -15.35
C PRO B 126 -15.50 -6.17 -13.87
N LYS B 127 -16.57 -6.87 -13.51
CA LYS B 127 -16.69 -7.43 -12.16
C LYS B 127 -15.66 -8.55 -11.96
N LEU B 128 -14.83 -8.43 -10.92
CA LEU B 128 -13.75 -9.40 -10.69
C LEU B 128 -14.06 -10.49 -9.66
N ALA B 129 -15.11 -10.25 -8.86
CA ALA B 129 -15.50 -11.19 -7.80
C ALA B 129 -15.62 -12.68 -8.22
N PRO B 130 -16.24 -12.97 -9.39
CA PRO B 130 -16.41 -14.39 -9.77
C PRO B 130 -15.08 -15.12 -10.01
N HIS B 131 -14.01 -14.36 -10.20
CA HIS B 131 -12.72 -14.92 -10.64
C HIS B 131 -11.70 -15.01 -9.50
N ILE B 132 -12.08 -14.55 -8.31
CA ILE B 132 -11.15 -14.47 -7.18
C ILE B 132 -10.59 -15.83 -6.75
N ASP B 133 -11.46 -16.84 -6.61
CA ASP B 133 -10.97 -18.14 -6.17
C ASP B 133 -9.99 -18.73 -7.18
N ALA B 134 -10.24 -18.48 -8.48
CA ALA B 134 -9.36 -18.95 -9.54
C ALA B 134 -7.98 -18.29 -9.44
N MET B 135 -7.96 -16.98 -9.17
CA MET B 135 -6.69 -16.29 -9.00
C MET B 135 -5.93 -16.79 -7.79
N ARG B 136 -6.64 -16.95 -6.67
CA ARG B 136 -6.04 -17.44 -5.43
C ARG B 136 -5.45 -18.82 -5.63
N ALA B 137 -6.18 -19.69 -6.32
CA ALA B 137 -5.72 -21.03 -6.64
C ALA B 137 -4.42 -21.02 -7.48
N ASN B 138 -4.36 -20.15 -8.48
CA ASN B 138 -3.16 -20.02 -9.33
C ASN B 138 -1.97 -19.53 -8.52
N ILE B 139 -2.20 -18.50 -7.71
CA ILE B 139 -1.14 -17.90 -6.92
C ILE B 139 -0.62 -18.90 -5.86
N ALA B 140 -1.54 -19.55 -5.15
CA ALA B 140 -1.16 -20.54 -4.14
C ALA B 140 -0.36 -21.69 -4.74
N ALA B 141 -0.77 -22.17 -5.91
CA ALA B 141 -0.04 -23.20 -6.64
C ALA B 141 1.39 -22.75 -6.97
N ASP B 142 1.53 -21.55 -7.51
CA ASP B 142 2.82 -21.03 -7.94
C ASP B 142 3.77 -20.78 -6.77
N LEU B 143 3.22 -20.43 -5.61
CA LEU B 143 4.02 -20.18 -4.42
C LEU B 143 4.15 -21.39 -3.51
N ASP B 144 3.54 -22.50 -3.90
CA ASP B 144 3.48 -23.71 -3.05
C ASP B 144 2.99 -23.36 -1.65
N LEU B 145 1.89 -22.62 -1.58
CA LEU B 145 1.29 -22.20 -0.31
C LEU B 145 -0.09 -22.81 -0.13
N PRO B 146 -0.48 -23.08 1.12
CA PRO B 146 -1.89 -23.42 1.40
C PRO B 146 -2.76 -22.27 0.95
N LEU B 147 -3.95 -22.60 0.43
CA LEU B 147 -4.89 -21.61 -0.07
C LEU B 147 -5.21 -20.52 0.97
N ASP B 148 -5.28 -20.92 2.24
CA ASP B 148 -5.63 -19.96 3.30
C ASP B 148 -4.50 -18.97 3.69
N ARG B 149 -3.40 -19.00 2.94
CA ARG B 149 -2.34 -17.98 3.11
C ARG B 149 -2.26 -17.03 1.92
N VAL B 150 -3.23 -17.12 1.02
CA VAL B 150 -3.28 -16.27 -0.17
C VAL B 150 -4.62 -15.55 -0.27
N ASN B 151 -4.57 -14.23 -0.38
CA ASN B 151 -5.79 -13.44 -0.51
C ASN B 151 -5.69 -12.44 -1.65
N VAL B 152 -6.82 -12.28 -2.36
CA VAL B 152 -6.96 -11.28 -3.41
C VAL B 152 -8.27 -10.52 -3.19
N LYS B 153 -8.19 -9.19 -3.20
CA LYS B 153 -9.36 -8.33 -3.02
C LYS B 153 -9.59 -7.52 -4.27
N ALA B 154 -10.84 -7.11 -4.50
CA ALA B 154 -11.19 -6.34 -5.70
C ALA B 154 -11.89 -5.04 -5.34
N LYS B 155 -11.53 -3.97 -6.05
CA LYS B 155 -12.06 -2.63 -5.76
C LYS B 155 -12.33 -1.92 -7.09
N THR B 156 -13.31 -1.03 -7.13
CA THR B 156 -13.36 -0.03 -8.20
C THR B 156 -12.67 1.22 -7.67
N ASN B 157 -12.50 2.21 -8.54
CA ASN B 157 -11.96 3.50 -8.13
C ASN B 157 -13.01 4.59 -8.05
N GLU B 158 -14.27 4.19 -7.91
CA GLU B 158 -15.39 5.11 -7.73
C GLU B 158 -15.41 6.19 -8.80
N LYS B 159 -15.12 5.78 -10.03
CA LYS B 159 -15.17 6.64 -11.22
C LYS B 159 -14.14 7.79 -11.21
N LEU B 160 -13.13 7.70 -10.35
CA LEU B 160 -12.10 8.75 -10.24
C LEU B 160 -10.83 8.38 -11.01
N GLY B 161 -10.28 9.34 -11.74
CA GLY B 161 -8.96 9.17 -12.36
C GLY B 161 -8.96 8.21 -13.53
N TYR B 162 -7.75 7.94 -14.03
CA TYR B 162 -7.60 6.99 -15.14
C TYR B 162 -8.13 5.60 -14.81
N LEU B 163 -8.01 5.18 -13.54
CA LEU B 163 -8.59 3.90 -13.12
C LEU B 163 -10.11 3.94 -13.22
N GLY B 164 -10.69 5.04 -12.73
CA GLY B 164 -12.13 5.24 -12.73
C GLY B 164 -12.73 5.35 -14.11
N ARG B 165 -11.92 5.79 -15.08
CA ARG B 165 -12.38 5.92 -16.47
C ARG B 165 -12.10 4.67 -17.31
N GLY B 166 -11.58 3.63 -16.65
CA GLY B 166 -11.33 2.33 -17.30
C GLY B 166 -10.13 2.35 -18.23
N GLU B 167 -9.18 3.25 -17.96
CA GLU B 167 -8.04 3.47 -18.85
C GLU B 167 -6.84 2.63 -18.43
N GLY B 168 -6.95 2.03 -17.25
CA GLY B 168 -5.92 1.15 -16.73
C GLY B 168 -6.42 0.35 -15.55
N ILE B 169 -5.63 -0.62 -15.11
CA ILE B 169 -5.94 -1.44 -13.92
C ILE B 169 -4.71 -1.48 -13.04
N GLU B 170 -4.89 -1.31 -11.73
CA GLU B 170 -3.78 -1.29 -10.78
C GLU B 170 -3.83 -2.52 -9.90
N ALA B 171 -2.68 -2.99 -9.44
CA ALA B 171 -2.63 -4.00 -8.39
C ALA B 171 -1.67 -3.57 -7.29
N GLN B 172 -2.01 -3.95 -6.06
CA GLN B 172 -1.17 -3.71 -4.87
C GLN B 172 -1.00 -5.05 -4.20
N ALA B 173 0.18 -5.31 -3.62
CA ALA B 173 0.44 -6.57 -2.92
C ALA B 173 1.27 -6.38 -1.65
N ALA B 174 1.05 -7.25 -0.68
CA ALA B 174 1.85 -7.32 0.53
C ALA B 174 2.24 -8.76 0.77
N ALA B 175 3.48 -9.00 1.19
CA ALA B 175 3.95 -10.35 1.46
C ALA B 175 4.74 -10.39 2.76
N LEU B 176 4.54 -11.45 3.52
CA LEU B 176 5.28 -11.68 4.73
C LEU B 176 6.10 -12.96 4.56
N VAL B 177 7.38 -12.86 4.85
CA VAL B 177 8.27 -14.02 4.75
C VAL B 177 9.05 -14.19 6.05
N VAL B 178 9.75 -15.31 6.20
CA VAL B 178 10.60 -15.53 7.36
C VAL B 178 11.89 -16.26 6.94
N ARG B 179 13.04 -15.76 7.41
CA ARG B 179 14.34 -16.36 7.08
C ARG B 179 14.51 -17.66 7.82
N MET C 22 7.51 -12.46 18.69
CA MET C 22 7.43 -11.43 19.74
C MET C 22 6.49 -10.29 19.31
N ASP C 23 6.77 -9.08 19.80
CA ASP C 23 5.87 -7.95 19.61
C ASP C 23 6.15 -7.22 18.30
N PHE C 24 5.87 -7.88 17.18
CA PHE C 24 6.04 -7.27 15.86
C PHE C 24 4.96 -6.25 15.52
N ARG C 25 5.34 -5.26 14.72
CA ARG C 25 4.39 -4.26 14.17
C ARG C 25 4.71 -3.93 12.73
N ILE C 26 3.69 -3.65 11.93
CA ILE C 26 3.95 -3.19 10.56
C ILE C 26 3.53 -1.75 10.33
N GLY C 27 4.22 -1.09 9.41
CA GLY C 27 3.88 0.28 9.03
C GLY C 27 3.90 0.44 7.53
N GLN C 28 3.15 1.41 7.04
CA GLN C 28 3.11 1.66 5.59
C GLN C 28 3.21 3.15 5.37
N GLY C 29 3.90 3.56 4.31
CA GLY C 29 4.10 4.98 4.04
C GLY C 29 3.83 5.29 2.59
N TYR C 30 3.35 6.52 2.36
CA TYR C 30 3.07 7.03 1.02
C TYR C 30 3.57 8.47 0.92
N ASP C 31 4.18 8.82 -0.21
CA ASP C 31 4.50 10.22 -0.47
C ASP C 31 4.50 10.50 -1.96
N VAL C 32 4.22 11.75 -2.32
CA VAL C 32 4.35 12.18 -3.69
C VAL C 32 4.77 13.65 -3.70
N HIS C 33 5.61 14.02 -4.66
CA HIS C 33 5.97 15.43 -4.83
C HIS C 33 5.95 15.78 -6.30
N GLN C 34 5.66 17.05 -6.58
CA GLN C 34 5.73 17.58 -7.93
C GLN C 34 7.17 17.70 -8.42
N LEU C 35 7.35 17.44 -9.71
CA LEU C 35 8.61 17.72 -10.41
C LEU C 35 8.59 19.11 -11.02
N VAL C 36 9.61 19.90 -10.67
CA VAL C 36 9.68 21.33 -11.06
C VAL C 36 11.07 21.71 -11.56
N PRO C 37 11.14 22.73 -12.45
CA PRO C 37 12.44 23.24 -12.93
C PRO C 37 13.26 23.88 -11.80
N GLY C 38 14.57 23.86 -11.94
CA GLY C 38 15.47 24.60 -11.06
C GLY C 38 15.73 23.99 -9.70
N ARG C 39 15.37 22.71 -9.54
CA ARG C 39 15.60 21.97 -8.31
C ARG C 39 16.40 20.70 -8.64
N PRO C 40 17.33 20.32 -7.74
CA PRO C 40 17.99 19.03 -7.87
C PRO C 40 17.01 17.90 -7.64
N LEU C 41 17.17 16.80 -8.37
CA LEU C 41 16.38 15.61 -8.13
C LEU C 41 17.14 14.73 -7.13
N ILE C 42 16.61 14.64 -5.91
CA ILE C 42 17.23 13.85 -4.84
C ILE C 42 16.23 12.81 -4.35
N ILE C 43 16.59 11.53 -4.54
CA ILE C 43 15.75 10.40 -4.14
C ILE C 43 16.59 9.36 -3.43
N GLY C 44 16.14 8.96 -2.24
CA GLY C 44 16.92 8.06 -1.40
C GLY C 44 18.31 8.61 -1.11
N GLY C 45 18.41 9.92 -0.99
CA GLY C 45 19.68 10.61 -0.70
C GLY C 45 20.57 10.77 -1.92
N VAL C 46 20.14 10.25 -3.06
CA VAL C 46 20.94 10.27 -4.28
C VAL C 46 20.57 11.43 -5.21
N THR C 47 21.55 12.27 -5.55
CA THR C 47 21.35 13.32 -6.54
C THR C 47 21.44 12.70 -7.92
N ILE C 48 20.33 12.75 -8.65
CA ILE C 48 20.23 12.12 -9.95
C ILE C 48 20.20 13.22 -11.03
N PRO C 49 21.13 13.14 -12.01
CA PRO C 49 21.11 14.09 -13.13
C PRO C 49 19.73 14.14 -13.79
N TYR C 50 19.15 15.34 -13.82
CA TYR C 50 17.80 15.54 -14.36
C TYR C 50 17.50 17.04 -14.44
N GLU C 51 16.72 17.42 -15.45
CA GLU C 51 16.41 18.83 -15.70
C GLU C 51 15.42 19.42 -14.69
N ARG C 52 14.73 18.55 -13.95
CA ARG C 52 13.80 18.96 -12.92
C ARG C 52 14.10 18.27 -11.59
N GLY C 53 13.51 18.76 -10.52
CA GLY C 53 13.70 18.17 -9.19
C GLY C 53 12.40 18.21 -8.43
N LEU C 54 12.40 17.64 -7.23
CA LEU C 54 11.15 17.54 -6.47
C LEU C 54 10.92 18.79 -5.61
N LEU C 55 9.67 19.24 -5.60
CA LEU C 55 9.27 20.43 -4.87
C LEU C 55 8.80 20.09 -3.45
N GLY C 56 9.38 20.76 -2.47
CA GLY C 56 8.94 20.64 -1.08
C GLY C 56 9.58 21.68 -0.19
N HIS C 57 9.12 21.72 1.07
CA HIS C 57 9.68 22.61 2.08
C HIS C 57 11.10 22.17 2.44
N SER C 58 11.30 20.85 2.51
CA SER C 58 12.63 20.25 2.68
C SER C 58 13.23 19.99 1.29
N ASP C 59 14.20 19.07 1.21
CA ASP C 59 14.79 18.67 -0.08
C ASP C 59 13.85 17.76 -0.89
N ALA C 60 12.68 17.51 -0.31
CA ALA C 60 11.58 16.82 -0.98
C ALA C 60 11.95 15.40 -1.42
N ASP C 61 12.75 14.72 -0.60
CA ASP C 61 13.12 13.34 -0.91
C ASP C 61 11.91 12.41 -0.65
N VAL C 62 11.17 12.16 -1.72
CA VAL C 62 9.91 11.43 -1.64
C VAL C 62 10.09 10.01 -1.07
N LEU C 63 11.22 9.37 -1.41
CA LEU C 63 11.46 8.01 -0.95
C LEU C 63 11.73 8.00 0.56
N LEU C 64 12.59 8.91 1.02
CA LEU C 64 12.94 8.95 2.44
C LEU C 64 11.72 9.34 3.29
N HIS C 65 10.91 10.25 2.76
CA HIS C 65 9.66 10.60 3.43
C HIS C 65 8.70 9.42 3.60
N ALA C 66 8.53 8.62 2.56
CA ALA C 66 7.64 7.44 2.62
C ALA C 66 8.15 6.43 3.66
N ILE C 67 9.46 6.21 3.67
CA ILE C 67 10.05 5.29 4.66
C ILE C 67 9.88 5.83 6.08
N THR C 68 10.14 7.13 6.25
CA THR C 68 9.95 7.80 7.53
C THR C 68 8.50 7.61 8.04
N ASP C 69 7.53 7.85 7.16
CA ASP C 69 6.13 7.63 7.55
C ASP C 69 5.84 6.16 7.90
N ALA C 70 6.39 5.22 7.14
CA ALA C 70 6.18 3.81 7.45
C ALA C 70 6.74 3.44 8.83
N LEU C 71 7.92 3.97 9.16
CA LEU C 71 8.56 3.71 10.45
C LEU C 71 7.77 4.33 11.60
N PHE C 72 7.38 5.60 11.46
CA PHE C 72 6.50 6.21 12.46
C PHE C 72 5.21 5.41 12.61
N GLY C 73 4.66 4.94 11.48
CA GLY C 73 3.40 4.19 11.51
C GLY C 73 3.55 2.88 12.27
N ALA C 74 4.65 2.17 12.02
CA ALA C 74 4.86 0.86 12.64
C ALA C 74 5.02 1.00 14.15
N ALA C 75 5.63 2.11 14.57
CA ALA C 75 5.83 2.39 16.00
C ALA C 75 4.65 3.11 16.65
N ALA C 76 3.61 3.38 15.85
CA ALA C 76 2.42 4.10 16.29
C ALA C 76 2.77 5.47 16.88
N LEU C 77 3.68 6.16 16.20
CA LEU C 77 4.16 7.45 16.67
C LEU C 77 3.60 8.63 15.88
N GLY C 78 2.58 8.37 15.07
CA GLY C 78 1.95 9.40 14.24
C GLY C 78 2.54 9.46 12.84
N ASP C 79 3.00 10.64 12.45
CA ASP C 79 3.49 10.83 11.08
C ASP C 79 4.52 11.96 10.97
N ILE C 80 5.11 12.08 9.80
CA ILE C 80 6.16 13.02 9.55
C ILE C 80 5.70 14.46 9.79
N GLY C 81 4.43 14.75 9.46
CA GLY C 81 3.82 16.06 9.67
C GLY C 81 3.71 16.47 11.14
N ARG C 82 3.39 15.51 11.99
CA ARG C 82 3.25 15.79 13.41
C ARG C 82 4.60 15.84 14.15
N HIS C 83 5.63 15.22 13.57
CA HIS C 83 6.96 15.19 14.19
C HIS C 83 7.87 16.38 13.81
N PHE C 84 7.78 16.82 12.57
CA PHE C 84 8.73 17.81 12.06
C PHE C 84 8.04 19.05 11.52
N ASP C 95 17.99 18.32 5.92
CA ASP C 95 17.68 17.48 4.75
C ASP C 95 16.96 16.21 5.20
N SER C 96 16.46 15.43 4.23
CA SER C 96 15.62 14.29 4.54
C SER C 96 16.35 13.12 5.19
N ARG C 97 17.67 13.07 5.02
CA ARG C 97 18.45 12.04 5.69
C ARG C 97 18.56 12.34 7.17
N ALA C 98 18.75 13.61 7.52
CA ALA C 98 18.75 13.99 8.93
C ALA C 98 17.39 13.67 9.56
N LEU C 99 16.32 13.91 8.81
CA LEU C 99 14.98 13.59 9.29
C LEU C 99 14.78 12.08 9.46
N LEU C 100 15.33 11.31 8.53
CA LEU C 100 15.22 9.85 8.62
C LEU C 100 15.98 9.33 9.83
N ARG C 101 17.18 9.88 10.06
CA ARG C 101 17.97 9.52 11.25
C ARG C 101 17.24 9.86 12.53
N GLU C 102 16.57 11.01 12.56
CA GLU C 102 15.81 11.43 13.74
C GLU C 102 14.60 10.51 13.96
N CYS C 103 13.93 10.15 12.87
CA CYS C 103 12.84 9.18 12.91
C CYS C 103 13.31 7.89 13.56
N ALA C 104 14.42 7.34 13.06
CA ALA C 104 15.00 6.11 13.62
C ALA C 104 15.28 6.25 15.12
N SER C 105 15.76 7.42 15.51
CA SER C 105 16.02 7.73 16.91
C SER C 105 14.72 7.64 17.74
N ARG C 106 13.66 8.28 17.25
CA ARG C 106 12.38 8.29 17.94
C ARG C 106 11.74 6.89 18.00
N VAL C 107 11.94 6.10 16.95
CA VAL C 107 11.48 4.70 16.93
C VAL C 107 12.20 3.90 18.03
N ALA C 108 13.52 4.08 18.12
CA ALA C 108 14.29 3.39 19.15
C ALA C 108 13.89 3.87 20.55
N GLN C 109 13.64 5.17 20.68
CA GLN C 109 13.23 5.78 21.94
C GLN C 109 11.95 5.16 22.48
N ALA C 110 11.07 4.77 21.57
CA ALA C 110 9.79 4.15 21.90
C ALA C 110 9.90 2.65 22.20
N GLY C 111 11.11 2.10 22.05
CA GLY C 111 11.42 0.72 22.42
C GLY C 111 11.35 -0.27 21.26
N PHE C 112 11.40 0.24 20.04
CA PHE C 112 11.33 -0.60 18.85
C PHE C 112 12.66 -0.76 18.15
N ALA C 113 12.86 -1.94 17.58
CA ALA C 113 13.99 -2.23 16.71
C ALA C 113 13.45 -2.41 15.30
N ILE C 114 14.15 -1.87 14.32
CA ILE C 114 13.73 -2.04 12.91
C ILE C 114 14.23 -3.39 12.38
N ARG C 115 13.34 -4.17 11.77
CA ARG C 115 13.70 -5.47 11.20
C ARG C 115 13.94 -5.41 9.71
N ASN C 116 13.08 -4.70 8.98
CA ASN C 116 13.32 -4.47 7.55
C ASN C 116 12.49 -3.35 6.97
N VAL C 117 12.96 -2.83 5.84
CA VAL C 117 12.25 -1.83 5.03
CA VAL C 117 12.18 -1.87 5.05
C VAL C 117 12.18 -2.29 3.58
N ASP C 118 11.02 -2.12 2.96
CA ASP C 118 10.87 -2.31 1.53
C ASP C 118 10.18 -1.06 0.96
N SER C 119 10.39 -0.81 -0.32
CA SER C 119 9.85 0.42 -0.91
C SER C 119 9.77 0.34 -2.41
N THR C 120 8.99 1.25 -3.00
CA THR C 120 8.89 1.37 -4.45
C THR C 120 8.89 2.86 -4.80
N ILE C 121 9.69 3.22 -5.81
CA ILE C 121 9.61 4.56 -6.40
C ILE C 121 8.90 4.44 -7.73
N ILE C 122 7.94 5.33 -7.97
CA ILE C 122 7.26 5.37 -9.26
C ILE C 122 7.61 6.68 -9.98
N ALA C 123 8.35 6.54 -11.08
CA ALA C 123 8.77 7.70 -11.87
C ALA C 123 8.84 7.29 -13.32
N GLN C 124 8.25 8.10 -14.19
CA GLN C 124 8.25 7.81 -15.61
C GLN C 124 9.64 8.09 -16.17
N ALA C 125 10.30 9.09 -15.59
CA ALA C 125 11.66 9.48 -15.94
C ALA C 125 12.28 10.21 -14.74
N PRO C 126 13.63 10.17 -14.62
CA PRO C 126 14.61 9.45 -15.41
C PRO C 126 14.71 7.99 -14.99
N LYS C 127 15.62 7.25 -15.62
CA LYS C 127 15.87 5.86 -15.23
C LYS C 127 16.49 5.83 -13.83
N LEU C 128 15.93 5.00 -12.96
CA LEU C 128 16.36 4.98 -11.58
C LEU C 128 17.25 3.78 -11.25
N ALA C 129 17.20 2.75 -12.10
CA ALA C 129 17.93 1.50 -11.90
C ALA C 129 19.41 1.67 -11.50
N PRO C 130 20.16 2.57 -12.16
CA PRO C 130 21.59 2.71 -11.82
C PRO C 130 21.86 3.32 -10.45
N HIS C 131 20.81 3.86 -9.81
CA HIS C 131 20.93 4.60 -8.56
C HIS C 131 20.41 3.84 -7.35
N ILE C 132 19.73 2.73 -7.61
CA ILE C 132 19.05 1.93 -6.57
CA ILE C 132 19.05 1.93 -6.58
C ILE C 132 20.01 1.49 -5.48
N ASP C 133 21.18 0.97 -5.87
CA ASP C 133 22.12 0.46 -4.88
C ASP C 133 22.60 1.54 -3.93
N ALA C 134 22.81 2.74 -4.45
CA ALA C 134 23.25 3.87 -3.63
C ALA C 134 22.15 4.30 -2.64
N MET C 135 20.90 4.29 -3.08
CA MET C 135 19.76 4.60 -2.20
C MET C 135 19.70 3.61 -1.04
N ARG C 136 19.78 2.33 -1.37
CA ARG C 136 19.78 1.27 -0.38
C ARG C 136 20.89 1.47 0.64
N ALA C 137 22.10 1.78 0.16
CA ALA C 137 23.24 1.99 1.04
C ALA C 137 23.00 3.19 1.96
N ASN C 138 22.47 4.29 1.40
CA ASN C 138 22.12 5.48 2.18
C ASN C 138 21.09 5.19 3.29
N ILE C 139 20.01 4.51 2.91
CA ILE C 139 18.95 4.15 3.86
C ILE C 139 19.48 3.24 4.97
N ALA C 140 20.26 2.22 4.59
CA ALA C 140 20.85 1.27 5.52
C ALA C 140 21.74 1.99 6.55
N ALA C 141 22.55 2.93 6.05
CA ALA C 141 23.44 3.71 6.92
C ALA C 141 22.63 4.57 7.90
N ASP C 142 21.62 5.25 7.37
CA ASP C 142 20.75 6.10 8.19
C ASP C 142 19.96 5.35 9.27
N LEU C 143 19.55 4.13 8.96
CA LEU C 143 18.76 3.31 9.90
C LEU C 143 19.61 2.35 10.73
N ASP C 144 20.92 2.40 10.54
CA ASP C 144 21.84 1.46 11.21
C ASP C 144 21.40 0.00 10.96
N LEU C 145 21.11 -0.30 9.69
CA LEU C 145 20.71 -1.63 9.24
C LEU C 145 21.72 -2.21 8.27
N PRO C 146 21.86 -3.56 8.26
CA PRO C 146 22.65 -4.19 7.20
C PRO C 146 21.90 -4.09 5.88
N LEU C 147 22.64 -4.18 4.78
CA LEU C 147 22.07 -4.00 3.44
C LEU C 147 20.97 -4.99 3.11
N ASP C 148 21.06 -6.18 3.69
CA ASP C 148 20.13 -7.27 3.37
C ASP C 148 18.76 -7.10 4.05
N ARG C 149 18.59 -5.98 4.74
CA ARG C 149 17.31 -5.66 5.42
C ARG C 149 16.67 -4.39 4.85
N VAL C 150 17.25 -3.88 3.76
CA VAL C 150 16.74 -2.69 3.09
C VAL C 150 16.53 -2.98 1.61
N ASN C 151 15.35 -2.65 1.10
CA ASN C 151 15.08 -2.83 -0.31
C ASN C 151 14.40 -1.62 -0.93
N VAL C 152 14.82 -1.30 -2.15
CA VAL C 152 14.21 -0.24 -2.96
C VAL C 152 13.92 -0.78 -4.36
N LYS C 153 12.70 -0.56 -4.83
CA LYS C 153 12.26 -1.05 -6.13
C LYS C 153 11.84 0.13 -7.00
N ALA C 154 12.04 0.00 -8.32
CA ALA C 154 11.74 1.09 -9.25
C ALA C 154 10.71 0.69 -10.29
N LYS C 155 9.78 1.60 -10.56
CA LYS C 155 8.65 1.39 -11.46
C LYS C 155 8.38 2.65 -12.26
N THR C 156 7.84 2.50 -13.49
CA THR C 156 7.18 3.62 -14.17
C THR C 156 5.67 3.50 -13.93
N ASN C 157 4.90 4.45 -14.45
CA ASN C 157 3.46 4.36 -14.32
C ASN C 157 2.76 4.07 -15.65
N GLU C 158 3.51 3.46 -16.57
CA GLU C 158 3.01 3.08 -17.89
C GLU C 158 2.29 4.24 -18.57
N LYS C 159 2.87 5.43 -18.43
CA LYS C 159 2.38 6.67 -19.04
C LYS C 159 0.97 7.08 -18.59
N LEU C 160 0.50 6.56 -17.45
CA LEU C 160 -0.81 6.91 -16.93
C LEU C 160 -0.79 8.00 -15.87
N GLY C 161 -1.73 8.94 -15.99
CA GLY C 161 -1.96 9.95 -14.97
C GLY C 161 -0.81 10.93 -14.81
N TYR C 162 -0.84 11.70 -13.72
CA TYR C 162 0.20 12.71 -13.52
C TYR C 162 1.60 12.09 -13.41
N LEU C 163 1.70 10.89 -12.83
CA LEU C 163 3.02 10.22 -12.77
C LEU C 163 3.50 9.87 -14.19
N GLY C 164 2.57 9.39 -15.01
CA GLY C 164 2.86 9.01 -16.39
C GLY C 164 3.25 10.19 -17.27
N ARG C 165 2.74 11.36 -16.95
CA ARG C 165 3.06 12.59 -17.67
C ARG C 165 4.34 13.25 -17.14
N GLY C 166 4.94 12.64 -16.11
CA GLY C 166 6.15 13.16 -15.50
C GLY C 166 5.93 14.42 -14.68
N GLU C 167 4.75 14.56 -14.09
CA GLU C 167 4.42 15.75 -13.29
C GLU C 167 4.80 15.58 -11.83
N GLY C 168 5.00 14.34 -11.41
CA GLY C 168 5.42 14.06 -10.04
C GLY C 168 6.09 12.70 -9.93
N ILE C 169 6.59 12.40 -8.73
CA ILE C 169 7.17 11.10 -8.44
C ILE C 169 6.59 10.62 -7.12
N GLU C 170 6.20 9.35 -7.08
CA GLU C 170 5.55 8.77 -5.89
C GLU C 170 6.50 7.76 -5.25
N ALA C 171 6.45 7.64 -3.92
CA ALA C 171 7.11 6.52 -3.24
C ALA C 171 6.14 5.85 -2.27
N GLN C 172 6.30 4.53 -2.15
CA GLN C 172 5.56 3.71 -1.21
C GLN C 172 6.56 2.96 -0.35
N ALA C 173 6.25 2.75 0.92
CA ALA C 173 7.15 2.01 1.80
C ALA C 173 6.42 1.11 2.77
N ALA C 174 7.08 0.04 3.16
CA ALA C 174 6.59 -0.85 4.20
C ALA C 174 7.74 -1.07 5.18
N ALA C 175 7.44 -1.08 6.47
CA ALA C 175 8.46 -1.33 7.51
C ALA C 175 7.94 -2.31 8.55
N LEU C 176 8.81 -3.24 8.96
CA LEU C 176 8.54 -4.14 10.06
C LEU C 176 9.45 -3.81 11.23
N VAL C 177 8.86 -3.64 12.41
CA VAL C 177 9.62 -3.38 13.64
C VAL C 177 9.22 -4.38 14.73
N VAL C 178 10.00 -4.44 15.79
CA VAL C 178 9.65 -5.28 16.94
C VAL C 178 9.90 -4.52 18.24
N ARG C 179 8.95 -4.61 19.18
CA ARG C 179 9.15 -3.98 20.49
C ARG C 179 9.82 -4.96 21.45
ZN ZN D . -15.38 2.67 0.92
N1 535 E . -16.14 1.61 -0.50
C2 535 E . -16.99 0.56 -0.35
N3 535 E . -17.42 0.15 -1.52
C4 535 E . -16.87 0.89 -2.65
C5 535 E . -15.99 1.93 -1.93
C6 535 E . -18.26 -0.91 -1.46
C7 535 E . -18.46 -1.28 -0.01
S8 535 E . -17.57 -0.26 1.05
C9 535 E . -18.86 -1.57 -2.66
C10 535 E . -19.28 -2.34 0.61
O11 535 E . -19.43 -2.31 2.05
C12 535 E . -20.46 -1.50 2.63
C13 535 E . -21.41 -1.06 1.54
O14 535 E . -19.81 -3.21 -0.06
CL CL F . -3.42 18.14 -2.34
K K G . -2.22 5.19 -5.84
ZN ZN H . 3.18 -5.30 -14.92
N1 535 I . 4.80 -4.15 -15.55
C2 535 I . 6.03 -4.64 -15.83
N3 535 I . 6.75 -3.76 -16.49
C4 535 I . 6.05 -2.51 -16.72
C5 535 I . 4.69 -2.76 -16.02
C6 535 I . 8.00 -4.20 -16.79
C7 535 I . 8.18 -5.60 -16.29
S8 535 I . 6.75 -6.17 -15.49
C9 535 I . 9.04 -3.39 -17.54
C10 535 I . 9.37 -6.49 -16.39
O11 535 I . 9.24 -7.93 -16.18
C12 535 I . 8.76 -8.79 -17.22
C13 535 I . 9.87 -9.04 -18.22
O14 535 I . 10.48 -6.05 -16.66
ZN ZN J . 7.54 14.33 1.08
N1 535 K . 6.14 15.41 2.18
C2 535 K . 6.39 16.07 3.34
N3 535 K . 5.44 16.95 3.59
C4 535 K . 4.39 17.01 2.58
C5 535 K . 4.88 15.92 1.56
C6 535 K . 5.63 17.64 4.74
C7 535 K . 6.90 17.17 5.40
S8 535 K . 7.68 15.93 4.48
C9 535 K . 4.70 18.71 5.27
C10 535 K . 7.51 17.63 6.68
O11 535 K . 8.96 17.69 6.83
C12 535 K . 9.67 18.92 6.65
C13 535 K . 8.88 20.06 7.25
O14 535 K . 6.81 17.98 7.62
C ACT L . -4.43 13.41 -13.02
O ACT L . -4.34 14.64 -13.24
OXT ACT L . -3.60 12.68 -13.59
CH3 ACT L . -5.48 12.80 -12.13
#